data_9F3D
#
_entry.id   9F3D
#
_entity_poly.entity_id   1
_entity_poly.type   'polydeoxyribonucleotide'
_entity_poly.pdbx_seq_one_letter_code
;(DC)(DG)(DC)(DG)(DA)(DA)(DT)(DT)(L8P)(DG)(DC)(DG)
;
_entity_poly.pdbx_strand_id   A
#